data_3E6F
#
_entry.id   3E6F
#
_cell.length_a   67.810
_cell.length_b   109.515
_cell.length_c   53.762
_cell.angle_alpha   90.00
_cell.angle_beta   90.00
_cell.angle_gamma   90.00
#
_symmetry.space_group_name_H-M   'P 21 21 2'
#
loop_
_entity.id
_entity.type
_entity.pdbx_description
1 polymer 'H-2 class I histocompatibility antigen, D-D alpha chain'
2 polymer 'BETA-2 MICROGLOBULIN'
3 polymer 'Envelope glycoprotein 9-residue peptide'
4 water water
#
loop_
_entity_poly.entity_id
_entity_poly.type
_entity_poly.pdbx_seq_one_letter_code
_entity_poly.pdbx_strand_id
1 'polypeptide(L)'
;MSHSLRYFVTAVSRPGFGEPRYMEVGYVDNTEFVRFDSDAENPRYEPRARWIEQEGPEYWERETRRAKGNEQSFRVDLRT
ALRYYNQSAGGSHTLQWMAGCDVESDGRLLRGYWQFAYDGCDYIALNEDLKTWTAADMAAQITRRKWEQAGAAERDRAYL
EGECVEWLRRYLKNGNATLLRTDPPKAHVTHHRRPEGDVTLRCWALGFYPADITLTWQLNGEELTQEMELVETRPAGDGT
FQKWASVVVPLGKEQKYTCHVEHEGLPEPLTLRW
;
A
2 'polypeptide(L)'
;MQKTPQIQVYSRHPPENGKPNILNCYVTQFHPPHIEIQMLKNGKKIPKVEMSDMSFSKDWSFYILAHTEFTPTETDTYAC
RVKHASMAEPKTVYWDRDM
;
B
3 'polypeptide(L)' IGPGRAFYA P
#
# COMPACT_ATOMS: atom_id res chain seq x y z
N SER A 2 0.07 -14.37 11.30
CA SER A 2 0.08 -15.07 9.98
C SER A 2 0.82 -14.27 8.93
N HIS A 3 1.03 -14.89 7.78
CA HIS A 3 1.72 -14.23 6.69
C HIS A 3 0.86 -14.29 5.44
N SER A 4 1.24 -13.53 4.44
CA SER A 4 0.47 -13.53 3.23
C SER A 4 1.35 -13.32 2.02
N LEU A 5 0.86 -13.86 0.92
CA LEU A 5 1.49 -13.75 -0.39
C LEU A 5 0.38 -13.17 -1.24
N ARG A 6 0.61 -11.97 -1.77
CA ARG A 6 -0.43 -11.33 -2.57
C ARG A 6 0.08 -10.68 -3.84
N TYR A 7 -0.76 -10.70 -4.86
CA TYR A 7 -0.40 -10.08 -6.13
C TYR A 7 -1.45 -9.02 -6.46
N PHE A 8 -0.98 -7.83 -6.77
CA PHE A 8 -1.84 -6.69 -7.09
C PHE A 8 -1.63 -6.38 -8.54
N VAL A 9 -2.72 -6.40 -9.29
CA VAL A 9 -2.66 -6.16 -10.71
C VAL A 9 -3.54 -5.00 -11.13
N THR A 10 -3.05 -4.22 -12.09
CA THR A 10 -3.78 -3.09 -12.62
C THR A 10 -3.54 -2.99 -14.12
N ALA A 11 -4.60 -2.66 -14.86
CA ALA A 11 -4.53 -2.49 -16.30
C ALA A 11 -5.32 -1.21 -16.58
N VAL A 12 -4.64 -0.19 -17.13
CA VAL A 12 -5.25 1.11 -17.45
C VAL A 12 -5.26 1.35 -18.97
N SER A 13 -6.45 1.38 -19.56
CA SER A 13 -6.58 1.59 -21.01
C SER A 13 -6.18 3.00 -21.40
N ARG A 14 -5.49 3.12 -22.52
CA ARG A 14 -5.04 4.43 -22.99
C ARG A 14 -5.50 4.74 -24.42
N PRO A 15 -6.82 4.75 -24.65
CA PRO A 15 -7.31 5.04 -26.00
C PRO A 15 -6.75 6.38 -26.49
N GLY A 16 -6.14 6.36 -27.66
CA GLY A 16 -5.57 7.57 -28.20
C GLY A 16 -4.06 7.58 -28.06
N PHE A 17 -3.55 6.63 -27.29
CA PHE A 17 -2.11 6.52 -27.08
C PHE A 17 -1.56 5.21 -27.59
N GLY A 18 -2.10 4.11 -27.05
CA GLY A 18 -1.66 2.77 -27.43
C GLY A 18 -2.30 1.69 -26.57
N GLU A 19 -1.57 0.60 -26.37
CA GLU A 19 -2.06 -0.52 -25.57
C GLU A 19 -2.24 -0.18 -24.08
N PRO A 20 -3.13 -0.90 -23.40
CA PRO A 20 -3.32 -0.60 -21.97
C PRO A 20 -2.04 -0.78 -21.16
N ARG A 21 -1.82 0.12 -20.20
CA ARG A 21 -0.67 0.03 -19.31
C ARG A 21 -1.03 -1.11 -18.35
N TYR A 22 -0.28 -2.21 -18.41
CA TYR A 22 -0.56 -3.36 -17.55
C TYR A 22 0.49 -3.53 -16.48
N MET A 23 0.07 -3.78 -15.24
CA MET A 23 1.02 -3.91 -14.16
C MET A 23 0.72 -4.98 -13.10
N GLU A 24 1.78 -5.62 -12.62
CA GLU A 24 1.68 -6.61 -11.57
C GLU A 24 2.72 -6.35 -10.46
N VAL A 25 2.29 -6.45 -9.21
CA VAL A 25 3.20 -6.28 -8.08
C VAL A 25 2.97 -7.40 -7.06
N GLY A 26 4.06 -7.98 -6.57
CA GLY A 26 3.96 -9.08 -5.61
C GLY A 26 4.47 -8.77 -4.20
N TYR A 27 3.71 -9.18 -3.19
CA TYR A 27 4.07 -8.96 -1.79
C TYR A 27 3.89 -10.17 -0.90
N VAL A 28 4.81 -10.29 0.05
CA VAL A 28 4.75 -11.32 1.05
C VAL A 28 4.65 -10.38 2.25
N ASP A 29 3.43 -10.18 2.72
CA ASP A 29 3.18 -9.26 3.83
C ASP A 29 3.47 -7.96 3.09
N ASN A 30 3.96 -6.93 3.77
CA ASN A 30 4.07 -5.61 3.16
C ASN A 30 5.33 -5.33 2.34
N THR A 31 6.10 -6.36 2.05
CA THR A 31 7.29 -6.12 1.28
C THR A 31 7.02 -6.51 -0.16
N GLU A 32 7.28 -5.57 -1.07
CA GLU A 32 7.12 -5.83 -2.48
C GLU A 32 8.36 -6.65 -2.80
N PHE A 33 8.23 -7.73 -3.57
CA PHE A 33 9.42 -8.50 -3.92
C PHE A 33 9.59 -8.75 -5.42
N VAL A 34 8.51 -8.59 -6.18
CA VAL A 34 8.56 -8.75 -7.62
C VAL A 34 7.65 -7.74 -8.28
N ARG A 35 7.87 -7.47 -9.56
CA ARG A 35 7.08 -6.51 -10.30
C ARG A 35 7.12 -6.75 -11.79
N PHE A 36 6.07 -6.30 -12.47
CA PHE A 36 6.00 -6.40 -13.92
C PHE A 36 5.33 -5.13 -14.43
N ASP A 37 5.98 -4.47 -15.37
CA ASP A 37 5.48 -3.23 -15.96
C ASP A 37 5.47 -3.38 -17.48
N SER A 38 4.28 -3.34 -18.07
CA SER A 38 4.16 -3.48 -19.52
C SER A 38 4.86 -2.35 -20.28
N ASP A 39 4.97 -1.17 -19.69
CA ASP A 39 5.62 -0.05 -20.35
C ASP A 39 7.16 -0.13 -20.40
N ALA A 40 7.75 -0.89 -19.49
CA ALA A 40 9.21 -1.03 -19.46
C ALA A 40 9.77 -1.38 -20.84
N GLU A 41 11.00 -0.97 -21.11
CA GLU A 41 11.64 -1.22 -22.40
C GLU A 41 11.57 -2.70 -22.78
N ASN A 42 11.93 -3.57 -21.84
CA ASN A 42 11.86 -5.01 -22.06
C ASN A 42 11.03 -5.58 -20.92
N PRO A 43 9.71 -5.70 -21.14
CA PRO A 43 8.77 -6.22 -20.15
C PRO A 43 9.03 -7.66 -19.72
N ARG A 44 9.47 -7.80 -18.48
CA ARG A 44 9.75 -9.11 -17.88
C ARG A 44 9.71 -8.96 -16.36
N TYR A 45 9.24 -9.99 -15.68
CA TYR A 45 9.17 -9.97 -14.22
C TYR A 45 10.52 -9.59 -13.62
N GLU A 46 10.50 -8.81 -12.53
CA GLU A 46 11.72 -8.35 -11.90
C GLU A 46 11.77 -8.44 -10.37
N PRO A 47 12.98 -8.60 -9.82
CA PRO A 47 13.16 -8.69 -8.36
C PRO A 47 13.10 -7.31 -7.72
N ARG A 48 12.43 -7.22 -6.57
CA ARG A 48 12.31 -5.95 -5.86
C ARG A 48 12.77 -6.14 -4.43
N ALA A 49 13.33 -7.31 -4.16
CA ALA A 49 13.85 -7.64 -2.84
C ALA A 49 15.04 -8.56 -3.09
N ARG A 50 16.14 -8.29 -2.39
CA ARG A 50 17.36 -9.04 -2.54
C ARG A 50 17.20 -10.56 -2.46
N TRP A 51 16.34 -11.02 -1.55
CA TRP A 51 16.15 -12.44 -1.35
C TRP A 51 15.42 -13.22 -2.41
N ILE A 52 14.84 -12.53 -3.40
CA ILE A 52 14.16 -13.26 -4.46
C ILE A 52 15.13 -13.41 -5.63
N GLU A 53 16.09 -12.50 -5.70
CA GLU A 53 17.08 -12.49 -6.77
C GLU A 53 17.78 -13.83 -7.00
N GLN A 54 17.86 -14.67 -5.97
CA GLN A 54 18.52 -15.96 -6.11
C GLN A 54 17.69 -17.02 -6.83
N GLU A 55 16.48 -16.67 -7.24
CA GLU A 55 15.63 -17.61 -7.96
C GLU A 55 16.20 -17.75 -9.37
N GLY A 56 16.25 -18.99 -9.86
CA GLY A 56 16.81 -19.25 -11.18
C GLY A 56 16.10 -18.58 -12.37
N PRO A 57 16.75 -18.57 -13.55
CA PRO A 57 16.20 -17.97 -14.77
C PRO A 57 14.88 -18.61 -15.21
N GLU A 58 14.70 -19.88 -14.88
CA GLU A 58 13.45 -20.55 -15.23
C GLU A 58 12.29 -19.97 -14.42
N TYR A 59 12.56 -19.63 -13.16
CA TYR A 59 11.54 -19.04 -12.32
C TYR A 59 11.13 -17.71 -12.95
N TRP A 60 12.12 -16.94 -13.35
CA TRP A 60 11.87 -15.64 -13.95
C TRP A 60 11.25 -15.67 -15.33
N GLU A 61 11.59 -16.67 -16.12
CA GLU A 61 11.04 -16.78 -17.47
C GLU A 61 9.58 -17.19 -17.46
N ARG A 62 9.24 -18.11 -16.56
CA ARG A 62 7.87 -18.59 -16.47
C ARG A 62 6.96 -17.52 -15.88
N GLU A 63 7.47 -16.76 -14.91
CA GLU A 63 6.66 -15.71 -14.31
C GLU A 63 6.41 -14.61 -15.34
N THR A 64 7.40 -14.36 -16.18
CA THR A 64 7.28 -13.36 -17.23
C THR A 64 6.25 -13.85 -18.25
N ARG A 65 6.22 -15.16 -18.47
CA ARG A 65 5.29 -15.74 -19.42
C ARG A 65 3.86 -15.69 -18.85
N ARG A 66 3.71 -15.93 -17.54
CA ARG A 66 2.40 -15.88 -16.92
C ARG A 66 1.86 -14.46 -16.94
N ALA A 67 2.73 -13.48 -16.68
CA ALA A 67 2.33 -12.08 -16.65
C ALA A 67 1.85 -11.57 -18.00
N LYS A 68 2.42 -12.08 -19.08
CA LYS A 68 2.03 -11.65 -20.41
C LYS A 68 0.68 -12.24 -20.79
N GLY A 69 0.43 -13.48 -20.37
CA GLY A 69 -0.86 -14.10 -20.65
C GLY A 69 -1.90 -13.28 -19.92
N ASN A 70 -1.59 -12.88 -18.70
CA ASN A 70 -2.52 -12.09 -17.92
C ASN A 70 -2.77 -10.74 -18.56
N GLU A 71 -1.72 -10.14 -19.13
CA GLU A 71 -1.87 -8.83 -19.78
C GLU A 71 -2.89 -8.96 -20.93
N GLN A 72 -2.72 -9.99 -21.75
CA GLN A 72 -3.65 -10.20 -22.84
C GLN A 72 -5.07 -10.34 -22.31
N SER A 73 -5.23 -11.19 -21.30
CA SER A 73 -6.56 -11.38 -20.74
C SER A 73 -7.15 -10.05 -20.30
N PHE A 74 -6.34 -9.19 -19.69
CA PHE A 74 -6.83 -7.90 -19.25
C PHE A 74 -7.17 -6.96 -20.38
N ARG A 75 -6.42 -7.02 -21.48
CA ARG A 75 -6.72 -6.16 -22.62
C ARG A 75 -8.13 -6.53 -23.09
N VAL A 76 -8.38 -7.82 -23.19
CA VAL A 76 -9.66 -8.33 -23.65
C VAL A 76 -10.80 -7.95 -22.74
N ASP A 77 -10.61 -8.10 -21.44
CA ASP A 77 -11.67 -7.77 -20.50
C ASP A 77 -11.99 -6.28 -20.53
N LEU A 78 -11.00 -5.45 -20.84
CA LEU A 78 -11.24 -4.00 -20.91
C LEU A 78 -12.23 -3.71 -22.03
N ARG A 79 -12.15 -4.46 -23.13
CA ARG A 79 -13.08 -4.23 -24.22
C ARG A 79 -14.48 -4.73 -23.85
N THR A 80 -14.55 -5.92 -23.25
CA THR A 80 -15.82 -6.48 -22.84
C THR A 80 -16.59 -5.51 -21.96
N ALA A 81 -15.88 -4.95 -20.98
CA ALA A 81 -16.46 -3.97 -20.05
C ALA A 81 -17.18 -2.85 -20.81
N LEU A 82 -16.45 -2.18 -21.68
CA LEU A 82 -17.06 -1.11 -22.48
C LEU A 82 -18.44 -1.56 -22.95
N ARG A 83 -18.51 -2.80 -23.41
CA ARG A 83 -19.73 -3.40 -23.92
C ARG A 83 -20.76 -3.60 -22.81
N TYR A 84 -20.33 -4.20 -21.70
CA TYR A 84 -21.22 -4.45 -20.57
C TYR A 84 -21.82 -3.18 -20.03
N TYR A 85 -21.02 -2.13 -19.95
CA TYR A 85 -21.47 -0.85 -19.42
C TYR A 85 -21.86 0.14 -20.50
N ASN A 86 -21.92 -0.36 -21.73
CA ASN A 86 -22.29 0.47 -22.85
C ASN A 86 -21.51 1.79 -22.80
N GLN A 87 -20.20 1.68 -22.74
CA GLN A 87 -19.36 2.85 -22.68
C GLN A 87 -18.67 3.14 -24.01
N SER A 88 -18.20 4.38 -24.14
CA SER A 88 -17.50 4.85 -25.33
C SER A 88 -16.08 4.32 -25.34
N ALA A 89 -15.54 4.09 -26.53
CA ALA A 89 -14.18 3.58 -26.67
C ALA A 89 -13.12 4.67 -26.61
N GLY A 90 -13.53 5.91 -26.31
CA GLY A 90 -12.57 6.99 -26.24
C GLY A 90 -12.02 7.32 -24.85
N GLY A 91 -12.71 6.84 -23.81
CA GLY A 91 -12.28 7.11 -22.45
C GLY A 91 -11.39 6.04 -21.87
N SER A 92 -10.55 6.46 -20.90
CA SER A 92 -9.62 5.57 -20.22
C SER A 92 -10.31 4.89 -19.02
N HIS A 93 -10.09 3.59 -18.88
CA HIS A 93 -10.70 2.86 -17.77
C HIS A 93 -9.71 1.96 -17.06
N THR A 94 -10.03 1.56 -15.82
CA THR A 94 -9.12 0.71 -15.06
C THR A 94 -9.77 -0.60 -14.62
N LEU A 95 -8.95 -1.63 -14.50
CA LEU A 95 -9.40 -2.94 -14.08
C LEU A 95 -8.37 -3.45 -13.08
N GLN A 96 -8.80 -3.68 -11.86
CA GLN A 96 -7.87 -4.15 -10.85
C GLN A 96 -8.19 -5.57 -10.41
N TRP A 97 -7.13 -6.26 -10.04
CA TRP A 97 -7.23 -7.63 -9.60
C TRP A 97 -6.26 -7.85 -8.43
N MET A 98 -6.74 -8.50 -7.38
CA MET A 98 -5.92 -8.82 -6.23
C MET A 98 -6.19 -10.29 -5.89
N ALA A 99 -5.13 -11.07 -5.79
CA ALA A 99 -5.25 -12.48 -5.46
C ALA A 99 -4.13 -12.79 -4.47
N GLY A 100 -4.37 -13.72 -3.57
CA GLY A 100 -3.37 -14.07 -2.59
C GLY A 100 -3.94 -14.96 -1.50
N CYS A 101 -3.08 -15.34 -0.55
CA CYS A 101 -3.49 -16.20 0.53
C CYS A 101 -2.85 -15.80 1.84
N ASP A 102 -3.62 -15.87 2.92
CA ASP A 102 -3.13 -15.57 4.26
C ASP A 102 -2.98 -16.94 4.92
N VAL A 103 -1.80 -17.24 5.45
CA VAL A 103 -1.56 -18.55 6.07
C VAL A 103 -0.95 -18.54 7.47
N GLU A 104 -1.36 -19.50 8.29
CA GLU A 104 -0.86 -19.63 9.66
C GLU A 104 0.49 -20.35 9.65
N SER A 105 1.11 -20.46 10.82
CA SER A 105 2.41 -21.12 10.94
C SER A 105 2.44 -22.55 10.41
N ASP A 106 1.43 -23.35 10.75
CA ASP A 106 1.39 -24.74 10.30
C ASP A 106 1.15 -24.86 8.79
N GLY A 107 1.17 -23.72 8.10
CA GLY A 107 0.94 -23.74 6.67
C GLY A 107 -0.50 -24.01 6.27
N ARG A 108 -1.45 -23.81 7.17
CA ARG A 108 -2.85 -24.03 6.82
C ARG A 108 -3.44 -22.74 6.26
N LEU A 109 -4.06 -22.82 5.08
CA LEU A 109 -4.66 -21.64 4.45
C LEU A 109 -5.67 -20.99 5.38
N LEU A 110 -5.43 -19.73 5.72
CA LEU A 110 -6.33 -19.00 6.60
C LEU A 110 -7.41 -18.31 5.77
N ARG A 111 -6.97 -17.58 4.77
CA ARG A 111 -7.88 -16.85 3.90
C ARG A 111 -7.34 -16.70 2.48
N GLY A 112 -8.20 -16.96 1.50
CA GLY A 112 -7.81 -16.84 0.11
C GLY A 112 -8.54 -15.68 -0.54
N TYR A 113 -7.89 -14.99 -1.48
CA TYR A 113 -8.48 -13.84 -2.18
C TYR A 113 -8.32 -13.96 -3.70
N TRP A 114 -9.32 -13.47 -4.43
CA TRP A 114 -9.32 -13.50 -5.89
C TRP A 114 -10.46 -12.58 -6.29
N GLN A 115 -10.14 -11.28 -6.36
CA GLN A 115 -11.14 -10.27 -6.61
C GLN A 115 -10.79 -9.16 -7.62
N PHE A 116 -11.84 -8.61 -8.22
CA PHE A 116 -11.69 -7.57 -9.23
C PHE A 116 -12.51 -6.34 -8.96
N ALA A 117 -12.07 -5.24 -9.56
CA ALA A 117 -12.76 -3.96 -9.47
C ALA A 117 -12.65 -3.26 -10.83
N TYR A 118 -13.73 -2.60 -11.26
CA TYR A 118 -13.69 -1.88 -12.52
C TYR A 118 -13.81 -0.40 -12.20
N ASP A 119 -12.96 0.41 -12.83
CA ASP A 119 -12.95 1.84 -12.58
C ASP A 119 -13.02 2.17 -11.09
N GLY A 120 -12.39 1.35 -10.25
CA GLY A 120 -12.38 1.63 -8.82
C GLY A 120 -13.50 1.08 -7.95
N CYS A 121 -14.50 0.44 -8.54
CA CYS A 121 -15.59 -0.10 -7.73
C CYS A 121 -15.60 -1.61 -7.86
N ASP A 122 -15.96 -2.29 -6.78
CA ASP A 122 -16.01 -3.74 -6.80
C ASP A 122 -16.73 -4.23 -8.04
N TYR A 123 -16.23 -5.30 -8.62
CA TYR A 123 -16.85 -5.88 -9.79
C TYR A 123 -17.33 -7.28 -9.38
N ILE A 124 -16.38 -8.19 -9.18
CA ILE A 124 -16.70 -9.54 -8.77
C ILE A 124 -15.59 -10.08 -7.85
N ALA A 125 -15.95 -10.87 -6.83
CA ALA A 125 -14.99 -11.43 -5.89
C ALA A 125 -15.29 -12.87 -5.52
N LEU A 126 -14.25 -13.65 -5.31
CA LEU A 126 -14.42 -15.05 -4.93
C LEU A 126 -14.70 -14.99 -3.43
N ASN A 127 -15.72 -15.72 -2.99
CA ASN A 127 -16.08 -15.72 -1.57
C ASN A 127 -15.12 -16.53 -0.70
N GLU A 128 -15.15 -16.23 0.58
CA GLU A 128 -14.28 -16.89 1.56
C GLU A 128 -14.29 -18.42 1.42
N ASP A 129 -15.39 -18.98 0.92
CA ASP A 129 -15.51 -20.43 0.74
C ASP A 129 -14.81 -20.96 -0.51
N LEU A 130 -14.21 -20.04 -1.26
CA LEU A 130 -13.50 -20.38 -2.49
C LEU A 130 -14.35 -21.18 -3.46
N LYS A 131 -15.66 -21.17 -3.23
CA LYS A 131 -16.58 -21.91 -4.08
C LYS A 131 -17.57 -21.02 -4.83
N THR A 132 -17.97 -19.91 -4.21
CA THR A 132 -18.95 -19.00 -4.82
C THR A 132 -18.43 -17.58 -5.09
N TRP A 133 -19.11 -16.87 -5.99
CA TRP A 133 -18.75 -15.50 -6.37
C TRP A 133 -19.78 -14.46 -5.96
N THR A 134 -19.31 -13.25 -5.71
CA THR A 134 -20.16 -12.13 -5.35
C THR A 134 -20.03 -11.10 -6.48
N ALA A 135 -21.12 -10.79 -7.16
CA ALA A 135 -21.08 -9.80 -8.23
C ALA A 135 -21.63 -8.48 -7.69
N ALA A 136 -20.86 -7.41 -7.85
CA ALA A 136 -21.25 -6.10 -7.37
C ALA A 136 -22.44 -5.54 -8.11
N ASP A 137 -22.57 -5.85 -9.41
CA ASP A 137 -23.70 -5.34 -10.19
C ASP A 137 -24.16 -6.26 -11.33
N MET A 138 -25.05 -5.73 -12.16
CA MET A 138 -25.61 -6.48 -13.28
C MET A 138 -24.56 -6.94 -14.29
N ALA A 139 -23.60 -6.07 -14.58
CA ALA A 139 -22.55 -6.42 -15.52
C ALA A 139 -21.78 -7.61 -14.98
N ALA A 140 -21.47 -7.55 -13.68
CA ALA A 140 -20.72 -8.62 -13.03
C ALA A 140 -21.46 -9.96 -12.98
N GLN A 141 -22.78 -9.93 -13.04
CA GLN A 141 -23.59 -11.16 -13.00
C GLN A 141 -23.31 -11.97 -14.23
N ILE A 142 -23.28 -11.28 -15.36
CA ILE A 142 -22.99 -11.92 -16.62
C ILE A 142 -21.71 -12.71 -16.42
N THR A 143 -20.71 -12.04 -15.87
CA THR A 143 -19.44 -12.67 -15.61
C THR A 143 -19.57 -13.82 -14.63
N ARG A 144 -20.32 -13.58 -13.55
CA ARG A 144 -20.52 -14.61 -12.55
C ARG A 144 -21.15 -15.86 -13.16
N ARG A 145 -22.20 -15.69 -13.96
CA ARG A 145 -22.87 -16.84 -14.57
C ARG A 145 -21.95 -17.60 -15.51
N LYS A 146 -21.09 -16.86 -16.22
CA LYS A 146 -20.16 -17.49 -17.15
C LYS A 146 -19.13 -18.31 -16.38
N TRP A 147 -18.56 -17.71 -15.33
CA TRP A 147 -17.57 -18.41 -14.52
C TRP A 147 -18.22 -19.56 -13.74
N GLU A 148 -19.48 -19.38 -13.36
CA GLU A 148 -20.17 -20.45 -12.67
C GLU A 148 -20.24 -21.64 -13.63
N GLN A 149 -20.58 -21.37 -14.89
CA GLN A 149 -20.69 -22.45 -15.87
C GLN A 149 -19.36 -23.11 -16.22
N ALA A 150 -18.31 -22.32 -16.40
CA ALA A 150 -17.01 -22.85 -16.76
C ALA A 150 -16.26 -23.46 -15.59
N GLY A 151 -16.86 -23.44 -14.40
CA GLY A 151 -16.20 -24.00 -13.23
C GLY A 151 -14.89 -23.30 -12.87
N ALA A 152 -14.90 -21.98 -12.98
CA ALA A 152 -13.72 -21.16 -12.69
C ALA A 152 -13.23 -21.19 -11.25
N ALA A 153 -14.15 -21.14 -10.29
CA ALA A 153 -13.81 -21.14 -8.87
C ALA A 153 -13.01 -22.38 -8.44
N GLU A 154 -13.22 -23.49 -9.14
CA GLU A 154 -12.52 -24.72 -8.80
C GLU A 154 -11.06 -24.54 -9.16
N ARG A 155 -10.79 -24.11 -10.38
CA ARG A 155 -9.39 -23.91 -10.80
C ARG A 155 -8.70 -22.81 -9.98
N ASP A 156 -9.37 -21.69 -9.73
CA ASP A 156 -8.75 -20.61 -8.98
C ASP A 156 -8.45 -21.02 -7.54
N ARG A 157 -9.29 -21.88 -6.98
CA ARG A 157 -9.11 -22.38 -5.62
C ARG A 157 -7.88 -23.27 -5.53
N ALA A 158 -7.55 -23.93 -6.65
CA ALA A 158 -6.39 -24.82 -6.68
C ALA A 158 -5.12 -24.00 -6.49
N TYR A 159 -5.12 -22.77 -7.01
CA TYR A 159 -3.95 -21.89 -6.87
C TYR A 159 -3.81 -21.39 -5.43
N LEU A 160 -4.88 -20.81 -4.90
CA LEU A 160 -4.85 -20.27 -3.55
C LEU A 160 -4.49 -21.32 -2.50
N GLU A 161 -4.93 -22.54 -2.70
CA GLU A 161 -4.65 -23.62 -1.76
C GLU A 161 -3.40 -24.38 -2.15
N GLY A 162 -3.05 -24.32 -3.43
CA GLY A 162 -1.88 -25.03 -3.89
C GLY A 162 -0.62 -24.19 -3.92
N GLU A 163 -0.33 -23.63 -5.08
CA GLU A 163 0.88 -22.83 -5.26
C GLU A 163 1.04 -21.63 -4.32
N CYS A 164 -0.03 -20.89 -4.05
CA CYS A 164 0.10 -19.73 -3.17
C CYS A 164 0.74 -20.14 -1.85
N VAL A 165 0.08 -21.04 -1.14
CA VAL A 165 0.57 -21.53 0.14
C VAL A 165 2.00 -22.07 0.08
N GLU A 166 2.24 -23.05 -0.79
CA GLU A 166 3.56 -23.65 -0.89
C GLU A 166 4.67 -22.64 -1.17
N TRP A 167 4.49 -21.80 -2.17
CA TRP A 167 5.53 -20.80 -2.46
C TRP A 167 5.68 -19.78 -1.33
N LEU A 168 4.61 -19.55 -0.56
CA LEU A 168 4.71 -18.60 0.53
C LEU A 168 5.75 -19.05 1.57
N ARG A 169 5.73 -20.33 1.94
CA ARG A 169 6.68 -20.80 2.94
C ARG A 169 8.10 -20.76 2.41
N ARG A 170 8.25 -21.06 1.12
CA ARG A 170 9.57 -21.01 0.49
C ARG A 170 10.12 -19.58 0.62
N TYR A 171 9.33 -18.59 0.20
CA TYR A 171 9.76 -17.20 0.29
C TYR A 171 10.12 -16.77 1.71
N LEU A 172 9.23 -17.05 2.66
CA LEU A 172 9.45 -16.70 4.06
C LEU A 172 10.76 -17.31 4.52
N LYS A 173 11.11 -18.44 3.93
CA LYS A 173 12.34 -19.12 4.29
C LYS A 173 13.55 -18.41 3.67
N ASN A 174 13.56 -18.32 2.34
CA ASN A 174 14.66 -17.67 1.66
C ASN A 174 14.89 -16.24 2.15
N GLY A 175 13.81 -15.57 2.56
CA GLY A 175 13.95 -14.19 3.02
C GLY A 175 13.71 -13.94 4.50
N ASN A 176 13.88 -14.96 5.32
CA ASN A 176 13.64 -14.81 6.76
C ASN A 176 14.42 -13.67 7.40
N ALA A 177 15.65 -13.44 6.95
CA ALA A 177 16.50 -12.38 7.51
C ALA A 177 15.85 -11.00 7.52
N THR A 178 15.09 -10.68 6.49
CA THR A 178 14.42 -9.38 6.42
C THR A 178 12.93 -9.48 6.70
N LEU A 179 12.29 -10.49 6.10
CA LEU A 179 10.87 -10.72 6.25
C LEU A 179 10.43 -11.07 7.67
N LEU A 180 11.25 -11.82 8.40
CA LEU A 180 10.87 -12.23 9.75
C LEU A 180 11.60 -11.46 10.84
N ARG A 181 12.38 -10.47 10.42
CA ARG A 181 13.11 -9.62 11.35
C ARG A 181 12.09 -8.88 12.24
N THR A 182 12.57 -8.31 13.34
CA THR A 182 11.70 -7.51 14.20
C THR A 182 12.52 -6.34 14.76
N ASP A 183 12.13 -5.12 14.42
CA ASP A 183 12.82 -3.92 14.91
C ASP A 183 11.92 -3.18 15.90
N PRO A 184 12.37 -3.04 17.14
CA PRO A 184 11.56 -2.34 18.15
C PRO A 184 11.36 -0.89 17.72
N PRO A 185 10.24 -0.28 18.15
CA PRO A 185 9.98 1.12 17.80
C PRO A 185 10.66 2.10 18.75
N LYS A 186 11.26 3.15 18.20
CA LYS A 186 11.89 4.17 19.03
C LYS A 186 10.81 5.21 19.20
N ALA A 187 10.41 5.48 20.45
CA ALA A 187 9.33 6.43 20.67
C ALA A 187 9.69 7.70 21.42
N HIS A 188 8.79 8.66 21.40
CA HIS A 188 8.97 9.91 22.10
C HIS A 188 7.70 10.73 21.96
N VAL A 189 7.53 11.75 22.79
CA VAL A 189 6.34 12.55 22.71
C VAL A 189 6.66 14.04 22.57
N THR A 190 5.90 14.73 21.71
CA THR A 190 6.09 16.16 21.49
C THR A 190 4.97 16.96 22.16
N HIS A 191 5.23 18.26 22.30
CA HIS A 191 4.31 19.18 22.98
C HIS A 191 4.00 20.42 22.14
N HIS A 192 2.73 20.81 22.08
CA HIS A 192 2.31 21.98 21.33
C HIS A 192 1.15 22.70 22.00
N ARG A 193 1.33 23.97 22.34
CA ARG A 193 0.25 24.72 22.97
C ARG A 193 -0.62 25.25 21.83
N ARG A 194 -1.91 24.90 21.86
CA ARG A 194 -2.82 25.33 20.84
C ARG A 194 -3.47 26.67 21.13
N PRO A 195 -4.17 27.22 20.15
CA PRO A 195 -4.78 28.55 20.26
C PRO A 195 -6.09 28.51 21.03
N GLU A 196 -6.75 27.35 21.03
CA GLU A 196 -7.94 27.15 21.84
C GLU A 196 -7.59 27.13 23.33
N GLY A 197 -6.32 27.32 23.64
CA GLY A 197 -5.88 27.44 25.01
C GLY A 197 -5.71 26.10 25.68
N ASP A 198 -5.42 25.07 24.88
CA ASP A 198 -4.97 23.79 25.41
C ASP A 198 -3.65 23.31 24.78
N VAL A 199 -3.35 22.04 24.99
CA VAL A 199 -2.11 21.44 24.51
C VAL A 199 -2.33 20.14 23.76
N THR A 200 -1.63 19.96 22.65
CA THR A 200 -1.73 18.71 21.92
C THR A 200 -0.45 17.97 22.22
N LEU A 201 -0.59 16.72 22.64
CA LEU A 201 0.53 15.84 22.95
C LEU A 201 0.54 14.78 21.88
N ARG A 202 1.65 14.67 21.17
CA ARG A 202 1.74 13.68 20.11
C ARG A 202 2.81 12.65 20.39
N CYS A 203 2.39 11.38 20.38
CA CYS A 203 3.29 10.27 20.63
C CYS A 203 3.75 9.63 19.32
N TRP A 204 5.06 9.71 19.07
CA TRP A 204 5.64 9.13 17.88
C TRP A 204 6.26 7.77 18.13
N ALA A 205 6.15 6.89 17.15
CA ALA A 205 6.74 5.55 17.21
C ALA A 205 7.46 5.48 15.89
N LEU A 206 8.79 5.32 15.94
CA LEU A 206 9.54 5.32 14.69
C LEU A 206 10.33 4.04 14.37
N GLY A 207 10.82 3.97 13.13
CA GLY A 207 11.61 2.87 12.65
C GLY A 207 11.35 1.44 13.10
N PHE A 208 10.09 1.08 13.29
CA PHE A 208 9.79 -0.28 13.75
C PHE A 208 9.35 -1.22 12.62
N TYR A 209 9.40 -2.52 12.89
CA TYR A 209 9.01 -3.52 11.92
C TYR A 209 8.77 -4.82 12.69
N PRO A 210 7.73 -5.59 12.31
CA PRO A 210 6.77 -5.33 11.25
C PRO A 210 5.81 -4.19 11.55
N ALA A 211 4.84 -4.02 10.66
CA ALA A 211 3.85 -2.95 10.76
C ALA A 211 2.95 -2.92 11.99
N ASP A 212 2.41 -4.07 12.38
CA ASP A 212 1.53 -4.12 13.54
C ASP A 212 2.08 -3.36 14.73
N ILE A 213 1.25 -2.50 15.31
CA ILE A 213 1.66 -1.73 16.48
C ILE A 213 0.45 -1.13 17.18
N THR A 214 0.58 -0.89 18.48
CA THR A 214 -0.49 -0.28 19.23
C THR A 214 0.07 0.97 19.90
N LEU A 215 -0.43 2.13 19.48
CA LEU A 215 -0.02 3.41 20.05
C LEU A 215 -1.27 3.93 20.70
N THR A 216 -1.20 4.19 21.98
CA THR A 216 -2.40 4.63 22.69
C THR A 216 -2.11 5.67 23.77
N TRP A 217 -3.11 6.50 24.04
CA TRP A 217 -2.99 7.50 25.08
C TRP A 217 -3.91 7.06 26.21
N GLN A 218 -3.42 7.22 27.45
CA GLN A 218 -4.16 6.79 28.62
C GLN A 218 -4.16 7.86 29.70
N LEU A 219 -5.28 7.96 30.42
CA LEU A 219 -5.42 8.90 31.54
C LEU A 219 -6.10 8.13 32.64
N ASN A 220 -5.48 8.11 33.81
CA ASN A 220 -6.02 7.39 34.96
C ASN A 220 -6.23 5.92 34.56
N GLY A 221 -5.22 5.35 33.93
CA GLY A 221 -5.27 3.97 33.51
C GLY A 221 -6.44 3.60 32.62
N GLU A 222 -6.88 4.53 31.79
CA GLU A 222 -8.02 4.29 30.88
C GLU A 222 -7.68 4.75 29.46
N GLU A 223 -8.14 3.99 28.46
CA GLU A 223 -7.87 4.33 27.06
C GLU A 223 -8.75 5.48 26.53
N LEU A 224 -8.11 6.54 26.02
CA LEU A 224 -8.83 7.70 25.47
C LEU A 224 -9.20 7.45 24.00
N THR A 225 -9.96 6.38 23.79
CA THR A 225 -10.37 5.95 22.47
C THR A 225 -11.10 6.96 21.58
N GLN A 226 -11.91 7.84 22.17
CA GLN A 226 -12.63 8.83 21.37
C GLN A 226 -11.89 10.17 21.20
N GLU A 227 -10.91 10.44 22.04
CA GLU A 227 -10.17 11.69 21.99
C GLU A 227 -8.91 11.66 21.13
N MET A 228 -8.50 10.47 20.71
CA MET A 228 -7.29 10.37 19.91
C MET A 228 -7.45 10.69 18.44
N GLU A 229 -6.38 11.26 17.90
CA GLU A 229 -6.27 11.59 16.49
C GLU A 229 -5.03 10.79 16.09
N LEU A 230 -5.16 10.00 15.03
CA LEU A 230 -4.07 9.17 14.55
C LEU A 230 -3.83 9.41 13.08
N VAL A 231 -2.88 8.63 12.56
CA VAL A 231 -2.56 8.62 11.16
C VAL A 231 -2.17 7.18 10.91
N GLU A 232 -2.71 6.57 9.87
CA GLU A 232 -2.40 5.18 9.57
C GLU A 232 -0.89 4.97 9.47
N THR A 233 -0.44 3.77 9.83
CA THR A 233 0.97 3.44 9.77
C THR A 233 1.52 3.79 8.39
N ARG A 234 2.57 4.61 8.38
CA ARG A 234 3.23 5.08 7.15
C ARG A 234 4.53 4.34 6.90
N PRO A 235 4.85 4.06 5.62
CA PRO A 235 6.08 3.36 5.26
C PRO A 235 7.30 4.25 5.05
N ALA A 236 8.44 3.61 4.84
CA ALA A 236 9.71 4.30 4.59
C ALA A 236 10.53 3.47 3.58
N GLY A 237 11.39 4.14 2.83
CA GLY A 237 12.19 3.44 1.85
C GLY A 237 12.91 2.21 2.40
N ASP A 238 13.41 2.31 3.62
CA ASP A 238 14.17 1.23 4.25
C ASP A 238 13.34 0.05 4.78
N GLY A 239 12.05 0.03 4.49
CA GLY A 239 11.23 -1.07 4.95
C GLY A 239 10.62 -0.93 6.35
N THR A 240 11.06 0.05 7.14
CA THR A 240 10.49 0.24 8.47
C THR A 240 9.22 1.10 8.40
N PHE A 241 8.52 1.22 9.52
CA PHE A 241 7.28 2.00 9.59
C PHE A 241 7.31 2.96 10.75
N GLN A 242 6.38 3.92 10.73
CA GLN A 242 6.30 4.91 11.79
C GLN A 242 4.84 5.31 12.00
N LYS A 243 4.57 6.07 13.05
CA LYS A 243 3.21 6.50 13.32
C LYS A 243 3.10 7.40 14.53
N TRP A 244 1.97 8.09 14.64
CA TRP A 244 1.74 8.93 15.79
C TRP A 244 0.27 8.99 16.20
N ALA A 245 0.03 9.19 17.49
CA ALA A 245 -1.30 9.32 18.06
C ALA A 245 -1.23 10.55 18.94
N SER A 246 -2.23 11.40 18.86
CA SER A 246 -2.20 12.59 19.69
C SER A 246 -3.50 12.80 20.41
N VAL A 247 -3.47 13.63 21.44
CA VAL A 247 -4.65 13.95 22.19
C VAL A 247 -4.44 15.39 22.67
N VAL A 248 -5.55 16.10 22.89
CA VAL A 248 -5.49 17.47 23.37
C VAL A 248 -5.77 17.42 24.86
N VAL A 249 -4.92 18.07 25.65
CA VAL A 249 -5.09 18.06 27.11
C VAL A 249 -5.15 19.48 27.69
N PRO A 250 -5.70 19.61 28.91
CA PRO A 250 -5.81 20.92 29.58
C PRO A 250 -4.46 21.47 30.03
N LEU A 251 -4.35 22.79 30.14
CA LEU A 251 -3.12 23.43 30.57
C LEU A 251 -2.65 22.87 31.93
N GLY A 252 -1.34 22.76 32.08
CA GLY A 252 -0.77 22.25 33.31
C GLY A 252 -1.23 20.89 33.78
N LYS A 253 -1.70 20.03 32.88
CA LYS A 253 -2.13 18.71 33.32
C LYS A 253 -1.51 17.57 32.51
N GLU A 254 -0.49 17.90 31.73
CA GLU A 254 0.21 16.92 30.90
C GLU A 254 0.70 15.68 31.64
N GLN A 255 1.31 15.86 32.81
CA GLN A 255 1.82 14.74 33.59
C GLN A 255 0.79 13.69 33.98
N LYS A 256 -0.46 13.91 33.63
CA LYS A 256 -1.51 12.95 33.96
C LYS A 256 -1.66 11.97 32.81
N TYR A 257 -1.13 12.34 31.64
CA TYR A 257 -1.27 11.50 30.46
C TYR A 257 -0.03 10.71 30.07
N THR A 258 -0.24 9.44 29.73
CA THR A 258 0.85 8.58 29.33
C THR A 258 0.58 7.92 27.99
N CYS A 259 1.65 7.74 27.22
CA CYS A 259 1.54 7.09 25.94
C CYS A 259 1.90 5.63 26.14
N HIS A 260 1.09 4.75 25.59
CA HIS A 260 1.30 3.32 25.70
C HIS A 260 1.53 2.73 24.33
N VAL A 261 2.67 2.05 24.15
CA VAL A 261 2.98 1.45 22.85
C VAL A 261 3.39 -0.01 22.94
N GLU A 262 2.68 -0.86 22.21
CA GLU A 262 2.95 -2.30 22.17
C GLU A 262 3.50 -2.73 20.82
N HIS A 263 4.48 -3.62 20.83
CA HIS A 263 5.04 -4.10 19.59
C HIS A 263 5.78 -5.41 19.75
N GLU A 264 5.79 -6.20 18.68
CA GLU A 264 6.46 -7.49 18.66
C GLU A 264 7.88 -7.35 19.21
N GLY A 265 8.54 -6.25 18.87
CA GLY A 265 9.91 -6.03 19.33
C GLY A 265 10.02 -5.45 20.73
N LEU A 266 8.91 -5.39 21.44
CA LEU A 266 8.91 -4.84 22.80
C LEU A 266 8.49 -5.89 23.82
N PRO A 267 9.46 -6.46 24.57
CA PRO A 267 9.14 -7.47 25.58
C PRO A 267 7.93 -7.09 26.41
N GLU A 268 7.86 -5.83 26.78
CA GLU A 268 6.75 -5.29 27.55
C GLU A 268 6.41 -3.93 26.98
N PRO A 269 5.13 -3.56 27.06
CA PRO A 269 4.66 -2.27 26.54
C PRO A 269 5.42 -1.11 27.17
N LEU A 270 5.79 -0.14 26.33
CA LEU A 270 6.48 1.05 26.84
C LEU A 270 5.41 1.98 27.34
N THR A 271 5.82 2.93 28.15
CA THR A 271 4.90 3.91 28.68
C THR A 271 5.72 5.18 28.82
N LEU A 272 5.41 6.15 27.97
CA LEU A 272 6.12 7.41 27.95
C LEU A 272 5.25 8.53 28.45
N ARG A 273 5.89 9.66 28.72
CA ARG A 273 5.22 10.87 29.21
C ARG A 273 5.99 12.04 28.61
N TRP A 274 5.44 13.23 28.79
CA TRP A 274 6.07 14.45 28.30
C TRP A 274 7.14 14.91 29.30
N MET B 1 -15.04 6.36 -8.51
CA MET B 1 -14.86 6.93 -9.88
C MET B 1 -13.86 8.08 -9.83
N GLN B 2 -13.69 8.68 -8.66
CA GLN B 2 -12.72 9.74 -8.51
C GLN B 2 -12.52 10.06 -7.03
N LYS B 3 -11.34 9.73 -6.53
CA LYS B 3 -11.00 9.95 -5.13
C LYS B 3 -9.83 10.92 -4.95
N THR B 4 -9.98 11.79 -3.96
CA THR B 4 -9.00 12.81 -3.61
C THR B 4 -7.85 12.23 -2.80
N PRO B 5 -6.61 12.51 -3.22
CA PRO B 5 -5.45 11.99 -2.51
C PRO B 5 -5.24 12.59 -1.13
N GLN B 6 -4.69 11.78 -0.23
CA GLN B 6 -4.38 12.21 1.12
C GLN B 6 -2.87 12.37 1.03
N ILE B 7 -2.37 13.49 1.51
CA ILE B 7 -0.94 13.75 1.44
C ILE B 7 -0.33 13.92 2.82
N GLN B 8 0.67 13.11 3.13
CA GLN B 8 1.37 13.14 4.40
C GLN B 8 2.87 13.23 4.15
N VAL B 9 3.49 14.27 4.71
CA VAL B 9 4.93 14.52 4.57
C VAL B 9 5.65 14.34 5.92
N TYR B 10 6.74 13.56 5.90
CA TYR B 10 7.50 13.29 7.13
C TYR B 10 8.91 12.77 6.84
N SER B 11 9.78 12.81 7.84
CA SER B 11 11.15 12.33 7.66
C SER B 11 11.39 11.01 8.42
N ARG B 12 12.43 10.29 8.00
CA ARG B 12 12.77 9.01 8.62
C ARG B 12 13.23 9.15 10.08
N HIS B 13 13.92 10.25 10.39
CA HIS B 13 14.41 10.47 11.76
C HIS B 13 14.02 11.84 12.30
N PRO B 14 13.91 11.96 13.62
CA PRO B 14 13.55 13.28 14.16
C PRO B 14 14.63 14.22 13.62
N PRO B 15 14.22 15.33 12.95
CA PRO B 15 15.13 16.31 12.38
C PRO B 15 16.12 17.04 13.28
N GLU B 16 17.33 17.23 12.75
CA GLU B 16 18.41 17.92 13.42
C GLU B 16 19.15 18.77 12.39
N ASN B 17 19.00 20.09 12.51
CA ASN B 17 19.65 21.02 11.58
C ASN B 17 21.06 20.58 11.28
N GLY B 18 21.36 20.43 9.99
CA GLY B 18 22.69 20.02 9.61
C GLY B 18 22.90 18.51 9.63
N LYS B 19 22.03 17.71 9.68
CA LYS B 19 22.18 16.26 9.77
C LYS B 19 21.39 15.56 8.67
N PRO B 20 21.96 14.95 7.97
CA PRO B 20 21.37 14.25 6.84
C PRO B 20 20.19 13.40 7.28
N ASN B 21 19.16 13.38 6.45
CA ASN B 21 17.94 12.64 6.78
C ASN B 21 17.29 12.21 5.48
N ILE B 22 16.03 11.81 5.57
CA ILE B 22 15.27 11.36 4.41
C ILE B 22 13.86 11.96 4.53
N LEU B 23 13.39 12.62 3.48
CA LEU B 23 12.05 13.20 3.52
C LEU B 23 11.12 12.29 2.72
N ASN B 24 9.93 12.07 3.25
CA ASN B 24 8.97 11.21 2.61
C ASN B 24 7.66 11.90 2.28
N CYS B 25 7.15 11.62 1.09
CA CYS B 25 5.87 12.12 0.67
C CYS B 25 5.04 10.87 0.40
N TYR B 26 4.05 10.65 1.25
CA TYR B 26 3.17 9.49 1.16
C TYR B 26 1.80 9.95 0.69
N VAL B 27 1.40 9.51 -0.51
CA VAL B 27 0.13 9.87 -1.11
C VAL B 27 -0.80 8.66 -1.21
N THR B 28 -1.97 8.77 -0.61
CA THR B 28 -2.89 7.64 -0.62
C THR B 28 -4.34 7.93 -0.97
N GLN B 29 -5.14 6.87 -0.93
CA GLN B 29 -6.57 6.93 -1.21
C GLN B 29 -6.99 7.71 -2.43
N PHE B 30 -6.24 7.63 -3.52
CA PHE B 30 -6.69 8.35 -4.70
C PHE B 30 -7.09 7.40 -5.82
N HIS B 31 -7.78 7.98 -6.80
CA HIS B 31 -8.25 7.30 -7.99
C HIS B 31 -8.75 8.35 -8.94
N PRO B 32 -8.46 8.21 -10.24
CA PRO B 32 -7.71 7.16 -10.93
C PRO B 32 -6.21 7.14 -10.63
N PRO B 33 -5.51 6.08 -11.04
CA PRO B 33 -4.07 5.92 -10.80
C PRO B 33 -3.20 7.07 -11.25
N HIS B 34 -3.53 7.66 -12.40
CA HIS B 34 -2.70 8.76 -12.89
C HIS B 34 -2.60 9.87 -11.84
N ILE B 35 -1.38 10.34 -11.61
CA ILE B 35 -1.11 11.36 -10.61
C ILE B 35 0.31 11.91 -10.80
N GLU B 36 0.55 13.16 -10.43
CA GLU B 36 1.88 13.76 -10.58
C GLU B 36 2.36 14.28 -9.23
N ILE B 37 3.62 14.00 -8.93
CA ILE B 37 4.19 14.39 -7.66
C ILE B 37 5.58 15.01 -7.74
N GLN B 38 5.86 15.95 -6.84
CA GLN B 38 7.17 16.59 -6.77
C GLN B 38 7.43 17.00 -5.34
N MET B 39 8.68 16.90 -4.91
CA MET B 39 9.02 17.33 -3.58
C MET B 39 9.77 18.64 -3.79
N LEU B 40 9.35 19.66 -3.05
CA LEU B 40 9.95 20.98 -3.20
C LEU B 40 10.81 21.46 -2.03
N LYS B 41 11.89 22.14 -2.40
CA LYS B 41 12.80 22.75 -1.43
C LYS B 41 12.77 24.23 -1.75
N ASN B 42 12.23 25.03 -0.84
CA ASN B 42 12.11 26.47 -1.03
C ASN B 42 11.34 26.76 -2.31
N GLY B 43 10.32 25.93 -2.56
CA GLY B 43 9.50 26.10 -3.74
C GLY B 43 10.13 25.68 -5.06
N LYS B 44 11.34 25.14 -5.01
CA LYS B 44 12.02 24.70 -6.22
C LYS B 44 12.08 23.17 -6.22
N LYS B 45 11.68 22.56 -7.33
CA LYS B 45 11.69 21.10 -7.47
C LYS B 45 13.01 20.47 -7.10
N ILE B 46 12.94 19.37 -6.37
CA ILE B 46 14.12 18.62 -5.94
C ILE B 46 14.39 17.62 -7.06
N PRO B 47 15.54 17.75 -7.72
CA PRO B 47 16.02 16.92 -8.83
C PRO B 47 15.86 15.41 -8.68
N LYS B 48 16.52 14.83 -7.69
CA LYS B 48 16.44 13.40 -7.51
C LYS B 48 15.49 12.95 -6.39
N VAL B 49 14.35 12.43 -6.78
CA VAL B 49 13.35 11.93 -5.84
C VAL B 49 12.96 10.54 -6.36
N GLU B 50 13.13 9.52 -5.53
CA GLU B 50 12.76 8.17 -5.93
C GLU B 50 11.26 8.01 -5.69
N MET B 51 10.60 7.37 -6.66
CA MET B 51 9.17 7.13 -6.60
C MET B 51 8.86 5.65 -6.57
N SER B 52 8.44 5.16 -5.41
CA SER B 52 8.05 3.76 -5.25
C SER B 52 6.99 3.38 -6.30
N ASP B 53 6.97 2.11 -6.70
CA ASP B 53 5.99 1.66 -7.68
C ASP B 53 4.55 1.74 -7.18
N MET B 54 3.66 2.22 -8.03
CA MET B 54 2.25 2.33 -7.67
C MET B 54 1.66 1.03 -7.13
N SER B 55 0.67 1.18 -6.27
CA SER B 55 0.01 0.08 -5.63
C SER B 55 -1.41 0.52 -5.32
N PHE B 56 -2.17 -0.42 -4.77
CA PHE B 56 -3.52 -0.19 -4.35
C PHE B 56 -3.76 -1.04 -3.10
N SER B 57 -4.50 -0.48 -2.14
CA SER B 57 -4.83 -1.20 -0.93
C SER B 57 -6.23 -1.76 -1.01
N LYS B 58 -6.55 -2.65 -0.09
CA LYS B 58 -7.83 -3.37 -0.08
C LYS B 58 -9.11 -2.66 -0.43
N ASP B 59 -9.20 -1.35 -0.25
CA ASP B 59 -10.45 -0.66 -0.62
C ASP B 59 -10.41 -0.23 -2.09
N TRP B 60 -9.37 -0.71 -2.78
CA TRP B 60 -9.13 -0.48 -4.21
C TRP B 60 -8.47 0.84 -4.60
N SER B 61 -8.19 1.71 -3.63
CA SER B 61 -7.58 3.01 -3.90
C SER B 61 -6.06 2.93 -4.02
N PHE B 62 -5.51 3.75 -4.90
CA PHE B 62 -4.08 3.77 -5.10
C PHE B 62 -3.30 4.58 -4.06
N TYR B 63 -2.04 4.20 -3.85
CA TYR B 63 -1.17 4.90 -2.92
C TYR B 63 0.25 4.84 -3.50
N ILE B 64 1.12 5.76 -3.10
CA ILE B 64 2.50 5.78 -3.59
C ILE B 64 3.43 6.55 -2.65
N LEU B 65 4.71 6.19 -2.67
CA LEU B 65 5.69 6.81 -1.79
C LEU B 65 6.86 7.45 -2.52
N ALA B 66 7.08 8.74 -2.27
CA ALA B 66 8.19 9.47 -2.86
C ALA B 66 9.12 9.78 -1.68
N HIS B 67 10.41 9.86 -1.95
CA HIS B 67 11.37 10.16 -0.89
C HIS B 67 12.64 10.71 -1.49
N THR B 68 13.45 11.35 -0.67
CA THR B 68 14.69 11.95 -1.14
C THR B 68 15.56 12.27 0.06
N GLU B 69 16.88 12.09 -0.08
CA GLU B 69 17.78 12.40 1.02
C GLU B 69 17.77 13.91 1.14
N PHE B 70 17.98 14.41 2.36
CA PHE B 70 18.00 15.84 2.57
C PHE B 70 18.61 16.15 3.92
N THR B 71 19.00 17.41 4.10
CA THR B 71 19.57 17.87 5.36
C THR B 71 18.85 19.16 5.73
N PRO B 72 17.92 19.08 6.69
CA PRO B 72 17.14 20.24 7.14
C PRO B 72 18.00 21.38 7.64
N THR B 73 17.43 22.58 7.60
CA THR B 73 18.11 23.77 8.06
C THR B 73 17.12 24.74 8.65
N GLU B 74 17.61 25.56 9.57
CA GLU B 74 16.79 26.56 10.20
C GLU B 74 16.12 27.49 9.20
N THR B 75 16.63 27.51 7.97
CA THR B 75 16.10 28.40 6.98
C THR B 75 15.42 27.76 5.75
N ASP B 76 15.49 26.44 5.65
CA ASP B 76 14.90 25.74 4.52
C ASP B 76 13.55 25.10 4.81
N THR B 77 12.61 25.30 3.89
CA THR B 77 11.27 24.73 4.01
C THR B 77 11.04 23.70 2.90
N TYR B 78 10.45 22.57 3.28
CA TYR B 78 10.18 21.49 2.33
C TYR B 78 8.70 21.21 2.16
N ALA B 79 8.32 20.80 0.96
CA ALA B 79 6.92 20.52 0.67
C ALA B 79 6.73 19.45 -0.40
N CYS B 80 5.50 18.98 -0.55
CA CYS B 80 5.19 17.97 -1.56
C CYS B 80 4.00 18.46 -2.36
N ARG B 81 4.18 18.57 -3.67
CA ARG B 81 3.12 19.03 -4.55
C ARG B 81 2.48 17.87 -5.33
N VAL B 82 1.15 17.84 -5.33
CA VAL B 82 0.42 16.77 -6.01
C VAL B 82 -0.64 17.30 -6.98
N LYS B 83 -0.63 16.73 -8.19
CA LYS B 83 -1.60 17.11 -9.22
C LYS B 83 -2.39 15.85 -9.55
N HIS B 84 -3.69 15.90 -9.31
CA HIS B 84 -4.55 14.76 -9.59
C HIS B 84 -5.87 15.27 -10.19
N ALA B 85 -6.45 14.50 -11.10
CA ALA B 85 -7.69 14.88 -11.77
C ALA B 85 -8.87 15.12 -10.83
N SER B 86 -8.72 14.74 -9.57
CA SER B 86 -9.79 14.94 -8.61
C SER B 86 -9.76 16.35 -8.01
N MET B 87 -8.67 17.07 -8.23
CA MET B 87 -8.55 18.40 -7.67
C MET B 87 -8.41 19.44 -8.78
N ALA B 88 -9.05 20.58 -8.55
CA ALA B 88 -9.03 21.69 -9.50
C ALA B 88 -7.62 22.20 -9.63
N GLU B 89 -6.97 22.39 -8.50
CA GLU B 89 -5.60 22.87 -8.46
C GLU B 89 -4.72 21.90 -7.70
N PRO B 90 -3.41 21.91 -7.99
CA PRO B 90 -2.46 21.03 -7.32
C PRO B 90 -2.44 21.37 -5.84
N LYS B 91 -2.33 20.35 -4.99
CA LYS B 91 -2.29 20.54 -3.56
C LYS B 91 -0.84 20.42 -3.13
N THR B 92 -0.38 21.39 -2.37
CA THR B 92 0.99 21.38 -1.88
C THR B 92 0.91 21.36 -0.36
N VAL B 93 1.53 20.34 0.23
CA VAL B 93 1.53 20.18 1.67
C VAL B 93 2.94 20.40 2.17
N TYR B 94 3.10 21.35 3.08
CA TYR B 94 4.41 21.64 3.62
C TYR B 94 4.75 20.64 4.71
N TRP B 95 6.05 20.45 4.92
CA TRP B 95 6.54 19.56 5.95
C TRP B 95 6.54 20.38 7.25
N ASP B 96 5.79 19.91 8.24
CA ASP B 96 5.70 20.57 9.55
C ASP B 96 6.74 19.86 10.42
N ARG B 97 7.93 20.42 10.49
CA ARG B 97 9.02 19.78 11.22
C ARG B 97 8.98 19.76 12.75
N ASP B 98 7.88 20.21 13.36
CA ASP B 98 7.86 20.21 14.82
C ASP B 98 6.75 19.35 15.41
N MET B 99 5.91 18.80 14.54
CA MET B 99 4.80 17.94 14.98
C MET B 99 5.29 16.83 15.91
N ILE C 1 4.87 -18.02 -6.60
CA ILE C 1 4.47 -17.52 -7.94
C ILE C 1 3.12 -16.81 -7.91
N GLY C 2 2.82 -16.08 -8.97
CA GLY C 2 1.56 -15.36 -9.06
C GLY C 2 0.42 -16.12 -9.69
N PRO C 3 -0.79 -15.53 -9.70
CA PRO C 3 -1.99 -16.14 -10.27
C PRO C 3 -2.09 -16.01 -11.77
N GLY C 4 -2.84 -16.91 -12.38
CA GLY C 4 -3.02 -16.86 -13.82
C GLY C 4 -4.49 -16.75 -14.22
N ARG C 5 -4.76 -15.91 -15.22
CA ARG C 5 -6.11 -15.71 -15.73
C ARG C 5 -6.41 -16.84 -16.71
N ALA C 6 -7.51 -17.55 -16.50
CA ALA C 6 -7.87 -18.64 -17.39
C ALA C 6 -9.33 -18.54 -17.86
N PHE C 7 -9.97 -17.43 -17.50
CA PHE C 7 -11.36 -17.18 -17.86
C PHE C 7 -11.56 -15.70 -18.14
N TYR C 8 -12.21 -15.39 -19.27
CA TYR C 8 -12.47 -14.01 -19.66
C TYR C 8 -13.68 -13.45 -18.92
N ALA C 9 -13.76 -12.13 -18.77
CA ALA C 9 -14.89 -11.52 -18.07
C ALA C 9 -16.17 -11.55 -18.91
#